data_4U7X
#
_entry.id   4U7X
#
_cell.length_a   103.900
_cell.length_b   103.900
_cell.length_c   61.510
_cell.angle_alpha   90.000
_cell.angle_beta   90.000
_cell.angle_gamma   90.000
#
_symmetry.space_group_name_H-M   'P 42 21 2'
#
loop_
_entity.id
_entity.type
_entity.pdbx_description
1 polymer 'Ribokinase:Carbohydrate kinase, PfkB'
2 non-polymer 'SODIUM ION'
3 water water
#
_entity_poly.entity_id   1
_entity_poly.type   'polypeptide(L)'
_entity_poly.pdbx_seq_one_letter_code
;MAHHHHHHMILCCGEALIDMLPRETTGGETAFQPFAGGSVFNTAIALGRLGVPTGFFSGISSDFFGDVLRDTLARSNVDY
SFAAISNRPTTLAFVRLVDGQARYAFYDENTAGRMLSRNDMPYVDETISAMLFGCISLISEPCGSVYETLLAREAPNRVM
FLDPNIRANLITVRKTHLTRMKRMIALADIVKLSDEDLDWFGEKGSHDEIAAEWLKLGPKLVVITKGAHGAVAYTNHATV
PVPGVKVDVVDTVGAGDTVNAGILASLHSQGLLTKDALANLSEDQIHSAVALGVRAAAVTVSRAGANPPWAHEMRD
;
_entity_poly.pdbx_strand_id   A
#
# COMPACT_ATOMS: atom_id res chain seq x y z
N HIS A 4 -21.78 7.59 -11.60
CA HIS A 4 -20.94 8.62 -12.20
C HIS A 4 -19.56 8.62 -11.54
N HIS A 5 -19.57 8.65 -10.21
CA HIS A 5 -18.35 8.47 -9.43
C HIS A 5 -17.85 7.05 -9.57
N HIS A 6 -18.77 6.16 -9.93
CA HIS A 6 -18.53 4.72 -9.94
C HIS A 6 -17.47 4.25 -10.95
N HIS A 7 -17.18 5.07 -11.95
CA HIS A 7 -16.27 4.66 -13.03
C HIS A 7 -14.90 5.32 -12.91
N HIS A 8 -14.75 6.22 -11.93
CA HIS A 8 -13.47 6.86 -11.64
C HIS A 8 -12.43 5.87 -11.14
N MET A 9 -11.18 6.15 -11.48
CA MET A 9 -10.10 5.23 -11.23
C MET A 9 -9.19 5.64 -10.05
N ILE A 10 -8.77 4.65 -9.29
CA ILE A 10 -7.76 4.87 -8.26
C ILE A 10 -6.45 4.41 -8.86
N LEU A 11 -5.48 5.32 -8.90
CA LEU A 11 -4.20 5.01 -9.51
C LEU A 11 -3.12 4.81 -8.47
N CYS A 12 -2.70 3.56 -8.29
CA CYS A 12 -1.65 3.24 -7.33
C CYS A 12 -0.24 3.45 -7.93
N CYS A 13 0.60 4.19 -7.20
CA CYS A 13 1.95 4.52 -7.69
C CYS A 13 3.01 4.10 -6.70
N GLY A 14 3.83 3.11 -7.07
CA GLY A 14 4.83 2.61 -6.15
C GLY A 14 5.34 1.24 -6.55
N GLU A 15 6.05 0.60 -5.62
CA GLU A 15 6.89 -0.54 -5.95
C GLU A 15 6.12 -1.81 -6.24
N ALA A 16 6.70 -2.64 -7.09
CA ALA A 16 6.22 -3.97 -7.39
C ALA A 16 7.46 -4.82 -7.34
N LEU A 17 7.45 -5.84 -6.49
CA LEU A 17 8.65 -6.64 -6.28
C LEU A 17 8.33 -8.12 -6.11
N ILE A 18 9.35 -8.94 -5.92
CA ILE A 18 9.12 -10.35 -5.61
C ILE A 18 9.54 -10.68 -4.20
N ASP A 19 8.57 -11.16 -3.42
CA ASP A 19 8.84 -11.72 -2.11
C ASP A 19 9.38 -13.14 -2.28
N MET A 20 10.58 -13.34 -1.75
CA MET A 20 11.26 -14.62 -1.82
C MET A 20 11.24 -15.24 -0.45
N LEU A 21 10.27 -16.13 -0.23
CA LEU A 21 10.01 -16.71 1.10
C LEU A 21 10.48 -18.16 1.20
N PRO A 22 11.03 -18.53 2.37
CA PRO A 22 11.61 -19.86 2.52
C PRO A 22 10.54 -20.96 2.56
N ARG A 23 10.75 -22.03 1.77
CA ARG A 23 9.89 -23.21 1.78
C ARG A 23 10.78 -24.47 1.79
N GLU A 24 10.20 -25.63 2.11
CA GLU A 24 10.93 -26.90 2.05
C GLU A 24 10.71 -27.57 0.70
N THR A 25 11.78 -28.07 0.10
CA THR A 25 11.64 -28.84 -1.13
C THR A 25 11.15 -30.24 -0.78
N THR A 26 10.67 -30.96 -1.78
CA THR A 26 10.31 -32.37 -1.57
C THR A 26 11.53 -33.15 -1.08
N GLY A 27 12.71 -32.76 -1.55
CA GLY A 27 13.95 -33.37 -1.09
C GLY A 27 14.30 -33.02 0.35
N GLY A 28 13.54 -32.12 0.95
CA GLY A 28 13.71 -31.76 2.35
C GLY A 28 14.77 -30.71 2.62
N GLU A 29 14.93 -29.77 1.70
CA GLU A 29 15.86 -28.66 1.90
C GLU A 29 15.25 -27.32 1.56
N THR A 30 15.92 -26.26 2.03
CA THR A 30 15.42 -24.89 1.90
C THR A 30 15.49 -24.33 0.47
N ALA A 31 14.37 -23.79 0.02
CA ALA A 31 14.32 -23.06 -1.24
C ALA A 31 13.55 -21.76 -1.04
N PHE A 32 13.63 -20.87 -2.02
CA PHE A 32 12.86 -19.62 -1.97
C PHE A 32 11.75 -19.67 -2.98
N GLN A 33 10.52 -19.52 -2.51
CA GLN A 33 9.38 -19.46 -3.40
C GLN A 33 9.05 -18.03 -3.76
N PRO A 34 8.96 -17.74 -5.06
CA PRO A 34 8.62 -16.41 -5.56
C PRO A 34 7.15 -16.06 -5.41
N PHE A 35 6.86 -15.00 -4.67
CA PHE A 35 5.52 -14.40 -4.66
C PHE A 35 5.49 -12.95 -5.20
N ALA A 36 4.49 -12.63 -6.02
CA ALA A 36 4.27 -11.24 -6.41
C ALA A 36 4.01 -10.41 -5.15
N GLY A 37 4.63 -9.24 -5.06
CA GLY A 37 4.50 -8.45 -3.87
C GLY A 37 4.90 -6.99 -4.01
N GLY A 38 4.98 -6.32 -2.88
CA GLY A 38 5.17 -4.88 -2.86
C GLY A 38 3.91 -4.26 -2.32
N SER A 39 4.08 -3.38 -1.34
CA SER A 39 2.96 -2.79 -0.65
C SER A 39 1.97 -2.10 -1.58
N VAL A 40 2.46 -1.20 -2.44
CA VAL A 40 1.54 -0.48 -3.34
C VAL A 40 0.95 -1.45 -4.38
N PHE A 41 1.77 -2.36 -4.87
CA PHE A 41 1.33 -3.44 -5.76
C PHE A 41 0.20 -4.25 -5.13
N ASN A 42 0.44 -4.73 -3.91
CA ASN A 42 -0.55 -5.52 -3.19
C ASN A 42 -1.84 -4.77 -3.02
N THR A 43 -1.75 -3.46 -2.80
CA THR A 43 -2.94 -2.65 -2.63
C THR A 43 -3.71 -2.54 -3.95
N ALA A 44 -2.99 -2.39 -5.06
CA ALA A 44 -3.64 -2.31 -6.36
C ALA A 44 -4.39 -3.63 -6.64
N ILE A 45 -3.72 -4.75 -6.41
CA ILE A 45 -4.35 -6.06 -6.55
C ILE A 45 -5.66 -6.13 -5.74
N ALA A 46 -5.57 -5.85 -4.44
CA ALA A 46 -6.77 -5.91 -3.60
C ALA A 46 -7.86 -4.97 -4.10
N LEU A 47 -7.52 -3.73 -4.49
CA LEU A 47 -8.53 -2.85 -5.06
C LEU A 47 -9.15 -3.49 -6.32
N GLY A 48 -8.30 -4.12 -7.14
CA GLY A 48 -8.81 -4.79 -8.33
C GLY A 48 -9.84 -5.85 -7.99
N ARG A 49 -9.49 -6.72 -7.05
CA ARG A 49 -10.38 -7.81 -6.66
C ARG A 49 -11.67 -7.33 -5.99
N LEU A 50 -11.64 -6.14 -5.39
CA LEU A 50 -12.86 -5.56 -4.81
C LEU A 50 -13.75 -4.88 -5.83
N GLY A 51 -13.33 -4.87 -7.10
CA GLY A 51 -14.16 -4.30 -8.13
C GLY A 51 -14.00 -2.80 -8.34
N VAL A 52 -12.96 -2.21 -7.76
CA VAL A 52 -12.68 -0.80 -8.00
C VAL A 52 -11.89 -0.64 -9.30
N PRO A 53 -12.29 0.31 -10.17
CA PRO A 53 -11.42 0.60 -11.33
C PRO A 53 -10.04 1.04 -10.85
N THR A 54 -9.03 0.28 -11.18
CA THR A 54 -7.72 0.41 -10.56
C THR A 54 -6.62 0.57 -11.60
N GLY A 55 -5.68 1.47 -11.36
CA GLY A 55 -4.49 1.60 -12.18
C GLY A 55 -3.22 1.38 -11.38
N PHE A 56 -2.16 1.01 -12.09
CA PHE A 56 -0.88 0.80 -11.46
C PHE A 56 0.23 1.48 -12.25
N PHE A 57 0.88 2.47 -11.64
CA PHE A 57 2.07 3.10 -12.22
C PHE A 57 3.31 2.70 -11.44
N SER A 58 4.32 2.23 -12.17
CA SER A 58 5.50 1.62 -11.56
C SER A 58 6.55 1.35 -12.63
N GLY A 59 7.68 0.81 -12.19
CA GLY A 59 8.70 0.31 -13.10
C GLY A 59 8.67 -1.21 -13.05
N ILE A 60 8.39 -1.83 -14.21
CA ILE A 60 8.27 -3.28 -14.29
C ILE A 60 9.25 -3.85 -15.32
N SER A 61 9.94 -4.91 -14.94
CA SER A 61 10.88 -5.58 -15.82
C SER A 61 10.23 -6.35 -16.94
N SER A 62 11.00 -6.62 -17.99
CA SER A 62 10.53 -7.46 -19.08
C SER A 62 10.96 -8.91 -18.89
N ASP A 63 11.78 -9.18 -17.87
CA ASP A 63 12.22 -10.56 -17.59
C ASP A 63 11.08 -11.39 -17.01
N PHE A 64 11.37 -12.60 -16.55
CA PHE A 64 10.28 -13.53 -16.26
C PHE A 64 9.62 -13.18 -14.92
N PHE A 65 10.40 -12.65 -13.98
CA PHE A 65 9.81 -12.10 -12.75
C PHE A 65 8.88 -10.92 -13.05
N GLY A 66 9.25 -10.07 -14.01
CA GLY A 66 8.35 -9.01 -14.43
C GLY A 66 7.07 -9.60 -15.00
N ASP A 67 7.22 -10.73 -15.69
CA ASP A 67 6.08 -11.45 -16.28
C ASP A 67 5.10 -11.91 -15.18
N VAL A 68 5.64 -12.45 -14.09
CA VAL A 68 4.84 -12.84 -12.94
C VAL A 68 4.02 -11.68 -12.41
N LEU A 69 4.62 -10.50 -12.33
CA LEU A 69 3.92 -9.32 -11.81
C LEU A 69 2.82 -8.86 -12.77
N ARG A 70 3.11 -8.81 -14.06
CA ARG A 70 2.09 -8.35 -15.02
C ARG A 70 0.93 -9.33 -15.10
N ASP A 71 1.23 -10.61 -14.98
N ASP A 71 1.24 -10.62 -15.01
CA ASP A 71 0.16 -11.60 -15.07
CA ASP A 71 0.23 -11.66 -15.05
C ASP A 71 -0.72 -11.56 -13.83
C ASP A 71 -0.71 -11.51 -13.84
N THR A 72 -0.12 -11.33 -12.67
CA THR A 72 -0.88 -11.12 -11.44
C THR A 72 -1.78 -9.87 -11.51
N LEU A 73 -1.25 -8.75 -11.99
CA LEU A 73 -2.06 -7.56 -12.18
C LEU A 73 -3.22 -7.81 -13.14
N ALA A 74 -2.90 -8.41 -14.28
CA ALA A 74 -3.89 -8.63 -15.34
C ALA A 74 -5.03 -9.50 -14.85
N ARG A 75 -4.69 -10.53 -14.07
CA ARG A 75 -5.71 -11.46 -13.58
C ARG A 75 -6.54 -10.87 -12.45
N SER A 76 -6.09 -9.75 -11.88
CA SER A 76 -6.90 -9.03 -10.88
C SER A 76 -7.52 -7.78 -11.48
N ASN A 77 -7.47 -7.69 -12.82
CA ASN A 77 -8.11 -6.61 -13.57
C ASN A 77 -7.53 -5.21 -13.30
N VAL A 78 -6.26 -5.14 -12.94
CA VAL A 78 -5.60 -3.86 -12.77
C VAL A 78 -5.01 -3.33 -14.07
N ASP A 79 -5.36 -2.10 -14.43
CA ASP A 79 -4.80 -1.44 -15.62
C ASP A 79 -3.37 -0.97 -15.37
N TYR A 80 -2.38 -1.69 -15.88
CA TYR A 80 -0.99 -1.30 -15.68
C TYR A 80 -0.36 -0.68 -16.94
N SER A 81 -1.19 -0.11 -17.81
CA SER A 81 -0.68 0.54 -19.02
C SER A 81 0.18 1.75 -18.66
N PHE A 82 -0.12 2.37 -17.52
CA PHE A 82 0.69 3.43 -16.96
C PHE A 82 2.12 3.00 -16.69
N ALA A 83 2.33 1.72 -16.40
CA ALA A 83 3.66 1.28 -15.95
C ALA A 83 4.73 1.45 -17.02
N ALA A 84 5.96 1.67 -16.58
CA ALA A 84 7.12 1.78 -17.47
C ALA A 84 7.90 0.47 -17.54
N ILE A 85 7.89 -0.16 -18.71
CA ILE A 85 8.61 -1.41 -18.91
C ILE A 85 10.05 -1.17 -19.37
N SER A 86 11.01 -1.83 -18.72
CA SER A 86 12.40 -1.82 -19.20
C SER A 86 13.03 -3.19 -19.06
N ASN A 87 14.29 -3.31 -19.50
CA ASN A 87 15.01 -4.58 -19.51
C ASN A 87 15.91 -4.77 -18.30
N ARG A 88 15.73 -3.91 -17.31
CA ARG A 88 16.44 -4.04 -16.05
CA ARG A 88 16.45 -4.04 -16.05
C ARG A 88 15.75 -5.10 -15.19
N PRO A 89 16.49 -5.73 -14.25
CA PRO A 89 15.87 -6.81 -13.45
C PRO A 89 14.82 -6.36 -12.43
N THR A 90 14.13 -7.36 -11.86
CA THR A 90 13.08 -7.12 -10.89
C THR A 90 13.64 -7.12 -9.47
N THR A 91 13.16 -6.19 -8.64
CA THR A 91 13.51 -6.15 -7.22
C THR A 91 13.20 -7.47 -6.50
N LEU A 92 14.15 -7.95 -5.68
CA LEU A 92 13.89 -9.16 -4.90
C LEU A 92 14.00 -8.90 -3.41
N ALA A 93 13.05 -9.41 -2.64
CA ALA A 93 13.09 -9.28 -1.19
C ALA A 93 13.18 -10.66 -0.53
N PHE A 94 14.36 -10.99 -0.02
CA PHE A 94 14.60 -12.28 0.59
C PHE A 94 14.30 -12.29 2.09
N VAL A 95 13.58 -13.32 2.52
CA VAL A 95 13.33 -13.56 3.93
C VAL A 95 13.90 -14.91 4.33
N ARG A 96 14.64 -14.95 5.43
CA ARG A 96 15.15 -16.22 5.91
C ARG A 96 14.91 -16.36 7.41
N LEU A 97 14.67 -17.59 7.86
CA LEU A 97 14.49 -17.86 9.27
C LEU A 97 15.80 -18.40 9.83
N VAL A 98 16.40 -17.66 10.76
CA VAL A 98 17.62 -18.13 11.41
C VAL A 98 17.41 -18.19 12.93
N ASP A 99 17.52 -19.41 13.47
CA ASP A 99 17.08 -19.70 14.83
C ASP A 99 15.63 -19.22 15.00
N GLY A 100 15.42 -18.30 15.94
CA GLY A 100 14.09 -17.83 16.24
C GLY A 100 13.51 -16.82 15.25
N GLN A 101 14.35 -15.97 14.70
CA GLN A 101 13.86 -14.78 14.00
C GLN A 101 14.15 -14.71 12.49
N ALA A 102 13.43 -13.81 11.84
CA ALA A 102 13.58 -13.57 10.41
C ALA A 102 14.78 -12.67 10.12
N ARG A 103 15.46 -12.95 9.01
CA ARG A 103 16.49 -12.04 8.49
C ARG A 103 16.22 -11.73 7.02
N TYR A 104 16.56 -10.51 6.61
CA TYR A 104 16.17 -10.03 5.29
C TYR A 104 17.37 -9.66 4.43
N ALA A 105 17.19 -9.79 3.12
CA ALA A 105 18.16 -9.30 2.15
C ALA A 105 17.42 -8.63 1.02
N PHE A 106 17.73 -7.36 0.79
CA PHE A 106 17.01 -6.57 -0.20
C PHE A 106 17.85 -6.39 -1.46
N TYR A 107 17.41 -7.02 -2.54
CA TYR A 107 18.14 -7.00 -3.81
C TYR A 107 17.52 -6.03 -4.81
N ASP A 108 17.96 -4.78 -4.77
CA ASP A 108 17.32 -3.72 -5.55
C ASP A 108 18.34 -2.86 -6.33
N GLU A 109 19.44 -3.47 -6.76
CA GLU A 109 20.43 -2.77 -7.58
C GLU A 109 19.99 -2.62 -9.04
N ASN A 110 19.95 -1.37 -9.51
CA ASN A 110 19.69 -1.06 -10.92
CA ASN A 110 19.71 -1.07 -10.93
C ASN A 110 18.45 -1.74 -11.50
N THR A 111 17.43 -1.91 -10.65
CA THR A 111 16.20 -2.59 -11.08
C THR A 111 15.28 -1.73 -11.94
N ALA A 112 14.33 -2.41 -12.57
CA ALA A 112 13.29 -1.75 -13.32
C ALA A 112 12.48 -0.79 -12.45
N GLY A 113 12.28 -1.16 -11.18
CA GLY A 113 11.51 -0.32 -10.29
C GLY A 113 12.29 0.89 -9.81
N ARG A 114 13.54 0.68 -9.39
CA ARG A 114 14.34 1.72 -8.76
C ARG A 114 14.77 2.83 -9.71
N MET A 115 15.02 2.45 -10.97
CA MET A 115 15.60 3.35 -11.95
C MET A 115 14.57 4.11 -12.76
N LEU A 116 13.40 4.33 -12.17
CA LEU A 116 12.33 5.03 -12.84
C LEU A 116 12.75 6.47 -13.14
N SER A 117 12.09 7.11 -14.10
CA SER A 117 12.46 8.46 -14.53
C SER A 117 11.27 9.42 -14.62
N ARG A 118 11.57 10.72 -14.55
CA ARG A 118 10.58 11.78 -14.75
C ARG A 118 9.82 11.60 -16.05
N ASN A 119 10.51 11.08 -17.07
CA ASN A 119 9.92 10.93 -18.39
C ASN A 119 8.86 9.84 -18.39
N ASP A 120 8.93 8.98 -17.38
CA ASP A 120 8.01 7.84 -17.28
C ASP A 120 6.71 8.23 -16.58
N MET A 121 6.65 9.46 -16.08
CA MET A 121 5.47 9.91 -15.36
C MET A 121 4.23 9.85 -16.24
N PRO A 122 3.13 9.34 -15.66
CA PRO A 122 1.89 9.10 -16.41
C PRO A 122 1.04 10.34 -16.58
N TYR A 123 0.22 10.38 -17.63
CA TYR A 123 -0.77 11.44 -17.78
C TYR A 123 -1.95 11.16 -16.86
N VAL A 124 -2.36 12.17 -16.11
CA VAL A 124 -3.42 11.98 -15.14
C VAL A 124 -4.61 12.88 -15.46
N ASP A 125 -5.70 12.32 -15.98
CA ASP A 125 -6.84 13.14 -16.37
C ASP A 125 -7.96 13.11 -15.34
N GLU A 126 -9.12 13.69 -15.67
CA GLU A 126 -10.21 13.87 -14.69
C GLU A 126 -10.94 12.58 -14.31
N THR A 127 -10.54 11.45 -14.89
CA THR A 127 -11.16 10.16 -14.55
C THR A 127 -10.41 9.45 -13.42
N ILE A 128 -9.34 10.08 -12.94
CA ILE A 128 -8.57 9.59 -11.81
C ILE A 128 -9.07 10.32 -10.57
N SER A 129 -9.77 9.62 -9.69
CA SER A 129 -10.35 10.27 -8.51
C SER A 129 -9.37 10.30 -7.36
N ALA A 130 -8.49 9.31 -7.32
CA ALA A 130 -7.57 9.13 -6.20
C ALA A 130 -6.26 8.50 -6.63
N MET A 131 -5.20 8.79 -5.89
CA MET A 131 -3.90 8.19 -6.12
C MET A 131 -3.31 7.71 -4.81
N LEU A 132 -2.49 6.66 -4.88
CA LEU A 132 -1.92 6.07 -3.68
C LEU A 132 -0.43 5.95 -3.80
N PHE A 133 0.27 6.26 -2.71
CA PHE A 133 1.73 6.19 -2.67
C PHE A 133 2.19 5.41 -1.44
N GLY A 134 3.37 4.84 -1.52
CA GLY A 134 3.90 4.01 -0.45
C GLY A 134 5.29 4.45 -0.07
N CYS A 135 5.88 3.75 0.88
CA CYS A 135 7.09 4.22 1.54
C CYS A 135 8.39 3.86 0.82
N ILE A 136 8.66 2.58 0.64
CA ILE A 136 9.94 2.15 0.07
C ILE A 136 10.22 2.79 -1.31
N SER A 137 9.19 2.95 -2.13
CA SER A 137 9.43 3.54 -3.44
C SER A 137 9.66 5.06 -3.33
N LEU A 138 8.99 5.70 -2.37
CA LEU A 138 9.15 7.14 -2.15
C LEU A 138 10.51 7.47 -1.54
N ILE A 139 11.13 6.49 -0.89
CA ILE A 139 12.41 6.71 -0.22
C ILE A 139 13.61 6.31 -1.08
N SER A 140 13.42 5.34 -1.97
CA SER A 140 14.51 4.87 -2.79
C SER A 140 14.93 5.92 -3.83
N GLU A 141 16.17 5.84 -4.28
CA GLU A 141 16.68 6.72 -5.31
C GLU A 141 17.12 5.94 -6.54
N PRO A 142 16.87 6.47 -7.74
CA PRO A 142 16.22 7.75 -8.03
C PRO A 142 14.70 7.73 -8.16
N CYS A 143 14.06 6.56 -8.10
CA CYS A 143 12.61 6.51 -8.33
C CYS A 143 11.83 7.41 -7.35
N GLY A 144 12.30 7.52 -6.11
CA GLY A 144 11.61 8.29 -5.09
C GLY A 144 11.34 9.72 -5.47
N SER A 145 12.32 10.33 -6.15
CA SER A 145 12.16 11.68 -6.66
C SER A 145 10.97 11.75 -7.61
N VAL A 146 10.83 10.72 -8.44
CA VAL A 146 9.73 10.68 -9.40
C VAL A 146 8.38 10.62 -8.71
N TYR A 147 8.24 9.73 -7.74
CA TYR A 147 6.95 9.57 -7.07
C TYR A 147 6.62 10.81 -6.24
N GLU A 148 7.64 11.39 -5.61
CA GLU A 148 7.42 12.62 -4.84
C GLU A 148 6.92 13.75 -5.74
N THR A 149 7.56 13.90 -6.90
CA THR A 149 7.16 14.88 -7.91
C THR A 149 5.70 14.69 -8.28
N LEU A 150 5.35 13.43 -8.58
CA LEU A 150 4.00 13.08 -8.99
C LEU A 150 2.99 13.41 -7.89
N LEU A 151 3.35 13.08 -6.65
CA LEU A 151 2.47 13.35 -5.52
C LEU A 151 2.25 14.87 -5.34
N ALA A 152 3.34 15.61 -5.40
CA ALA A 152 3.30 17.07 -5.29
C ALA A 152 2.41 17.69 -6.38
N ARG A 153 2.59 17.28 -7.63
CA ARG A 153 1.78 17.82 -8.72
C ARG A 153 0.28 17.57 -8.59
N GLU A 154 -0.10 16.35 -8.18
CA GLU A 154 -1.50 15.98 -8.24
C GLU A 154 -2.24 16.19 -6.92
N ALA A 155 -1.49 16.43 -5.85
CA ALA A 155 -2.08 16.71 -4.54
C ALA A 155 -3.16 17.80 -4.60
N PRO A 156 -2.91 18.92 -5.30
CA PRO A 156 -3.99 19.91 -5.30
C PRO A 156 -5.24 19.48 -6.08
N ASN A 157 -5.13 18.49 -6.95
CA ASN A 157 -6.20 18.15 -7.88
C ASN A 157 -7.11 16.97 -7.49
N ARG A 158 -6.60 16.09 -6.63
CA ARG A 158 -7.13 14.72 -6.48
C ARG A 158 -6.95 14.22 -5.06
N VAL A 159 -7.63 13.13 -4.70
CA VAL A 159 -7.46 12.53 -3.36
C VAL A 159 -6.16 11.74 -3.29
N MET A 160 -5.34 12.06 -2.30
CA MET A 160 -4.07 11.38 -2.12
C MET A 160 -4.14 10.46 -0.90
N PHE A 161 -3.70 9.21 -1.09
CA PHE A 161 -3.65 8.23 0.00
C PHE A 161 -2.19 7.87 0.18
N LEU A 162 -1.72 7.94 1.41
CA LEU A 162 -0.32 7.65 1.69
C LEU A 162 -0.17 6.54 2.73
N ASP A 163 0.60 5.50 2.40
CA ASP A 163 0.87 4.44 3.33
C ASP A 163 2.36 4.43 3.67
N PRO A 164 2.75 5.13 4.75
CA PRO A 164 4.14 5.02 5.18
C PRO A 164 4.38 3.70 5.92
N ASN A 165 4.48 2.61 5.19
CA ASN A 165 4.84 1.32 5.76
C ASN A 165 6.35 1.20 5.94
N ILE A 166 6.84 1.52 7.13
CA ILE A 166 8.26 1.38 7.44
C ILE A 166 8.70 -0.09 7.36
N ARG A 167 9.73 -0.35 6.55
CA ARG A 167 10.32 -1.68 6.48
C ARG A 167 11.78 -1.63 6.91
N ALA A 168 12.00 -1.44 8.21
CA ALA A 168 13.33 -1.32 8.80
C ALA A 168 14.22 -2.50 8.44
N ASN A 169 13.60 -3.68 8.35
CA ASN A 169 14.28 -4.92 7.98
C ASN A 169 14.79 -4.95 6.55
N LEU A 170 14.03 -4.35 5.63
CA LEU A 170 14.43 -4.26 4.23
C LEU A 170 15.46 -3.15 4.02
N ILE A 171 15.12 -1.97 4.54
CA ILE A 171 16.02 -0.83 4.55
C ILE A 171 16.06 -0.27 5.95
N THR A 172 17.20 -0.37 6.62
CA THR A 172 17.36 0.23 7.93
C THR A 172 17.11 1.73 7.79
N VAL A 173 16.13 2.21 8.55
CA VAL A 173 15.58 3.55 8.39
C VAL A 173 16.41 4.59 9.13
N ARG A 174 16.58 5.76 8.49
CA ARG A 174 17.33 6.86 9.07
C ARG A 174 16.43 8.09 9.10
N LYS A 175 16.98 9.21 9.53
CA LYS A 175 16.17 10.41 9.71
C LYS A 175 15.66 11.00 8.41
N THR A 176 16.54 11.11 7.43
CA THR A 176 16.18 11.65 6.13
C THR A 176 14.98 10.87 5.57
N HIS A 177 14.87 9.59 5.92
CA HIS A 177 13.71 8.79 5.54
C HIS A 177 12.47 9.21 6.33
N LEU A 178 12.62 9.38 7.64
CA LEU A 178 11.54 9.89 8.49
C LEU A 178 11.25 11.35 8.17
N THR A 179 12.32 12.07 7.83
CA THR A 179 12.20 13.45 7.38
C THR A 179 11.44 13.53 6.07
N ARG A 180 11.84 12.70 5.11
CA ARG A 180 11.17 12.66 3.82
C ARG A 180 9.71 12.25 3.98
N MET A 181 9.47 11.14 4.67
CA MET A 181 8.10 10.66 4.89
C MET A 181 7.25 11.74 5.53
N LYS A 182 7.83 12.44 6.50
CA LYS A 182 7.09 13.47 7.22
C LYS A 182 6.62 14.57 6.28
N ARG A 183 7.50 15.01 5.38
CA ARG A 183 7.13 16.07 4.45
C ARG A 183 6.25 15.53 3.31
N MET A 184 6.10 14.20 3.23
CA MET A 184 5.11 13.60 2.32
C MET A 184 3.71 13.65 2.93
N ILE A 185 3.64 13.48 4.25
CA ILE A 185 2.37 13.46 4.98
C ILE A 185 1.53 14.71 4.72
N ALA A 186 2.20 15.85 4.64
CA ALA A 186 1.56 17.14 4.36
C ALA A 186 0.70 17.09 3.09
N LEU A 187 1.18 16.36 2.10
CA LEU A 187 0.51 16.26 0.81
C LEU A 187 -0.60 15.21 0.76
N ALA A 188 -0.83 14.48 1.85
CA ALA A 188 -1.83 13.38 1.82
C ALA A 188 -3.19 13.81 2.36
N ASP A 189 -4.25 13.22 1.82
CA ASP A 189 -5.59 13.40 2.37
C ASP A 189 -5.93 12.26 3.31
N ILE A 190 -5.44 11.07 2.99
CA ILE A 190 -5.66 9.89 3.84
C ILE A 190 -4.32 9.26 4.16
N VAL A 191 -4.12 8.97 5.43
CA VAL A 191 -2.90 8.33 5.88
C VAL A 191 -3.26 7.10 6.67
N LYS A 192 -2.70 5.95 6.30
CA LYS A 192 -2.90 4.77 7.12
C LYS A 192 -1.56 4.16 7.42
N LEU A 193 -1.34 3.86 8.69
CA LEU A 193 -0.11 3.21 9.11
C LEU A 193 -0.37 2.34 10.35
N SER A 194 0.52 1.40 10.62
CA SER A 194 0.36 0.54 11.78
C SER A 194 0.92 1.23 13.01
N ASP A 195 0.56 0.74 14.18
CA ASP A 195 1.12 1.28 15.42
C ASP A 195 2.64 1.06 15.45
N GLU A 196 3.10 -0.04 14.85
CA GLU A 196 4.54 -0.28 14.71
C GLU A 196 5.18 0.81 13.83
N ASP A 197 4.52 1.15 12.72
CA ASP A 197 5.02 2.20 11.83
C ASP A 197 5.14 3.54 12.52
N LEU A 198 4.09 3.91 13.25
CA LEU A 198 4.03 5.22 13.91
C LEU A 198 5.16 5.39 14.92
N ASP A 199 5.50 4.31 15.61
CA ASP A 199 6.60 4.35 16.59
C ASP A 199 7.95 4.73 15.96
N TRP A 200 8.13 4.39 14.69
CA TRP A 200 9.39 4.68 14.01
C TRP A 200 9.57 6.19 13.83
N PHE A 201 8.46 6.90 13.68
CA PHE A 201 8.48 8.36 13.78
C PHE A 201 8.71 8.68 15.25
N GLY A 202 9.60 9.63 15.55
CA GLY A 202 10.02 9.84 16.92
C GLY A 202 9.12 10.76 17.73
N GLU A 203 7.85 10.83 17.34
CA GLU A 203 6.99 11.91 17.83
C GLU A 203 6.42 11.67 19.24
N LYS A 204 6.18 12.76 19.95
CA LYS A 204 5.78 12.70 21.36
C LYS A 204 4.29 12.37 21.53
N GLY A 205 3.96 11.75 22.65
CA GLY A 205 2.57 11.65 23.07
C GLY A 205 1.83 10.38 22.74
N SER A 206 0.54 10.38 23.06
CA SER A 206 -0.32 9.24 22.78
C SER A 206 -0.50 9.08 21.27
N HIS A 207 -0.83 7.86 20.85
CA HIS A 207 -1.14 7.59 19.45
C HIS A 207 -2.28 8.48 18.98
N ASP A 208 -3.27 8.62 19.84
CA ASP A 208 -4.42 9.47 19.56
C ASP A 208 -4.00 10.93 19.46
N GLU A 209 -2.96 11.29 20.19
CA GLU A 209 -2.38 12.63 20.15
C GLU A 209 -1.64 12.91 18.84
N ILE A 210 -0.83 11.94 18.42
CA ILE A 210 -0.07 12.05 17.17
C ILE A 210 -0.99 12.25 15.99
N ALA A 211 -2.02 11.41 15.92
CA ALA A 211 -3.02 11.49 14.87
C ALA A 211 -3.60 12.89 14.78
N ALA A 212 -3.82 13.52 15.94
CA ALA A 212 -4.38 14.86 16.00
C ALA A 212 -3.46 15.89 15.36
N GLU A 213 -2.15 15.74 15.57
CA GLU A 213 -1.19 16.63 14.96
C GLU A 213 -1.20 16.52 13.44
N TRP A 214 -1.24 15.29 12.94
CA TRP A 214 -1.19 15.04 11.50
C TRP A 214 -2.46 15.55 10.82
N LEU A 215 -3.58 15.51 11.51
CA LEU A 215 -4.83 16.02 10.96
C LEU A 215 -4.76 17.52 10.68
N LYS A 216 -3.84 18.18 11.37
CA LYS A 216 -3.63 19.61 11.19
C LYS A 216 -2.62 19.90 10.08
N LEU A 217 -1.94 18.86 9.62
CA LEU A 217 -0.92 18.98 8.58
C LEU A 217 -1.48 18.88 7.15
N GLY A 218 -2.79 18.65 7.03
CA GLY A 218 -3.37 18.41 5.72
C GLY A 218 -4.26 17.18 5.59
N PRO A 219 -3.82 16.03 6.17
CA PRO A 219 -4.70 14.86 6.16
C PRO A 219 -6.05 15.10 6.80
N LYS A 220 -7.10 14.60 6.17
CA LYS A 220 -8.44 14.71 6.72
C LYS A 220 -8.81 13.43 7.48
N LEU A 221 -8.08 12.35 7.19
CA LEU A 221 -8.35 11.04 7.80
C LEU A 221 -7.04 10.29 8.06
N VAL A 222 -6.84 9.92 9.32
CA VAL A 222 -5.69 9.13 9.74
C VAL A 222 -6.17 7.83 10.35
N VAL A 223 -5.59 6.72 9.88
CA VAL A 223 -5.97 5.41 10.39
C VAL A 223 -4.75 4.69 10.93
N ILE A 224 -4.85 4.26 12.19
CA ILE A 224 -3.79 3.47 12.81
C ILE A 224 -4.31 2.04 13.01
N THR A 225 -3.56 1.07 12.46
CA THR A 225 -3.94 -0.35 12.54
C THR A 225 -3.20 -1.04 13.67
N LYS A 226 -3.88 -1.98 14.32
CA LYS A 226 -3.38 -2.58 15.55
C LYS A 226 -3.33 -4.11 15.51
N GLY A 227 -3.05 -4.67 14.34
CA GLY A 227 -2.92 -6.10 14.18
C GLY A 227 -4.21 -6.85 14.44
N ALA A 228 -4.18 -7.72 15.44
CA ALA A 228 -5.34 -8.52 15.80
C ALA A 228 -6.44 -7.65 16.39
N HIS A 229 -6.04 -6.49 16.93
CA HIS A 229 -6.95 -5.62 17.66
C HIS A 229 -7.68 -4.62 16.77
N GLY A 230 -7.55 -4.79 15.46
CA GLY A 230 -8.27 -3.93 14.52
C GLY A 230 -7.58 -2.60 14.31
N ALA A 231 -8.32 -1.51 14.45
CA ALA A 231 -7.78 -0.21 14.09
C ALA A 231 -8.52 0.94 14.75
N VAL A 232 -7.90 2.11 14.73
CA VAL A 232 -8.60 3.33 15.10
C VAL A 232 -8.46 4.39 14.01
N ALA A 233 -9.60 4.96 13.63
CA ALA A 233 -9.65 5.98 12.61
C ALA A 233 -9.89 7.36 13.25
N TYR A 234 -9.12 8.36 12.81
CA TYR A 234 -9.20 9.70 13.37
C TYR A 234 -9.50 10.75 12.28
N THR A 235 -10.48 11.61 12.52
CA THR A 235 -10.71 12.83 11.74
C THR A 235 -10.88 14.02 12.68
N ASN A 236 -11.14 15.18 12.10
CA ASN A 236 -11.40 16.38 12.90
C ASN A 236 -12.81 16.37 13.51
N HIS A 237 -13.65 15.45 13.07
CA HIS A 237 -15.03 15.40 13.54
C HIS A 237 -15.35 14.18 14.40
N ALA A 238 -14.41 13.25 14.52
CA ALA A 238 -14.67 12.00 15.25
C ALA A 238 -13.44 11.12 15.45
N THR A 239 -13.59 10.12 16.32
CA THR A 239 -12.61 9.05 16.47
C THR A 239 -13.35 7.72 16.43
N VAL A 240 -12.90 6.79 15.58
CA VAL A 240 -13.66 5.57 15.41
C VAL A 240 -12.81 4.33 15.66
N PRO A 241 -13.00 3.70 16.84
CA PRO A 241 -12.40 2.40 17.12
C PRO A 241 -13.14 1.31 16.36
N VAL A 242 -12.41 0.45 15.67
CA VAL A 242 -13.03 -0.68 14.98
C VAL A 242 -12.33 -1.94 15.47
N PRO A 243 -13.10 -2.85 16.08
CA PRO A 243 -12.52 -4.06 16.66
C PRO A 243 -11.95 -5.00 15.60
N GLY A 244 -10.93 -5.76 15.97
CA GLY A 244 -10.40 -6.80 15.11
C GLY A 244 -11.37 -7.95 14.90
N VAL A 245 -11.02 -8.82 13.96
CA VAL A 245 -11.74 -10.05 13.67
C VAL A 245 -10.86 -11.24 14.00
N LYS A 246 -11.40 -12.20 14.75
CA LYS A 246 -10.64 -13.41 15.06
C LYS A 246 -10.63 -14.35 13.86
N VAL A 247 -9.43 -14.71 13.41
CA VAL A 247 -9.22 -15.69 12.36
C VAL A 247 -7.91 -16.44 12.58
N ASP A 248 -7.78 -17.62 11.97
CA ASP A 248 -6.54 -18.37 12.04
C ASP A 248 -5.56 -17.85 11.01
N VAL A 249 -4.39 -17.42 11.47
CA VAL A 249 -3.44 -16.71 10.63
C VAL A 249 -2.31 -17.58 10.09
N VAL A 250 -2.18 -17.63 8.77
CA VAL A 250 -1.05 -18.30 8.14
C VAL A 250 0.15 -17.35 8.06
N ASP A 251 -0.08 -16.15 7.52
CA ASP A 251 0.91 -15.08 7.66
C ASP A 251 0.28 -13.71 7.49
N THR A 252 1.11 -12.68 7.56
CA THR A 252 0.62 -11.32 7.57
C THR A 252 1.16 -10.50 6.40
N VAL A 253 1.83 -11.17 5.45
CA VAL A 253 2.31 -10.49 4.24
C VAL A 253 1.12 -9.89 3.48
N GLY A 254 1.18 -8.58 3.22
CA GLY A 254 0.13 -7.89 2.50
C GLY A 254 -1.15 -7.59 3.27
N ALA A 255 -1.11 -7.79 4.59
CA ALA A 255 -2.32 -7.56 5.41
C ALA A 255 -2.70 -6.09 5.42
N GLY A 256 -1.72 -5.23 5.67
CA GLY A 256 -1.94 -3.80 5.75
C GLY A 256 -2.40 -3.25 4.42
N ASP A 257 -1.82 -3.80 3.34
CA ASP A 257 -2.17 -3.41 1.98
C ASP A 257 -3.63 -3.70 1.66
N THR A 258 -4.15 -4.80 2.18
CA THR A 258 -5.58 -5.07 2.02
C THR A 258 -6.43 -4.07 2.81
N VAL A 259 -5.95 -3.63 3.97
CA VAL A 259 -6.68 -2.62 4.73
C VAL A 259 -6.83 -1.32 3.92
N ASN A 260 -5.72 -0.85 3.35
CA ASN A 260 -5.74 0.24 2.38
C ASN A 260 -6.86 0.09 1.35
N ALA A 261 -6.88 -1.06 0.68
CA ALA A 261 -7.85 -1.32 -0.36
C ALA A 261 -9.31 -1.25 0.12
N GLY A 262 -9.60 -1.81 1.29
CA GLY A 262 -10.97 -1.79 1.80
C GLY A 262 -11.48 -0.41 2.16
N ILE A 263 -10.62 0.36 2.83
CA ILE A 263 -10.92 1.75 3.12
C ILE A 263 -11.28 2.53 1.84
N LEU A 264 -10.42 2.41 0.83
CA LEU A 264 -10.60 3.11 -0.45
C LEU A 264 -11.81 2.60 -1.23
N ALA A 265 -11.97 1.29 -1.31
CA ALA A 265 -13.10 0.68 -1.99
C ALA A 265 -14.42 1.14 -1.38
N SER A 266 -14.47 1.23 -0.06
CA SER A 266 -15.71 1.63 0.59
C SER A 266 -16.04 3.09 0.31
N LEU A 267 -15.02 3.95 0.43
CA LEU A 267 -15.20 5.35 0.15
C LEU A 267 -15.57 5.57 -1.31
N HIS A 268 -14.93 4.82 -2.19
CA HIS A 268 -15.25 4.84 -3.61
C HIS A 268 -16.71 4.47 -3.81
N SER A 269 -17.12 3.40 -3.17
CA SER A 269 -18.48 2.89 -3.30
C SER A 269 -19.48 3.87 -2.71
N GLN A 270 -19.12 4.47 -1.58
CA GLN A 270 -19.97 5.46 -0.91
C GLN A 270 -20.00 6.79 -1.65
N GLY A 271 -19.17 6.91 -2.69
CA GLY A 271 -19.07 8.16 -3.43
C GLY A 271 -18.50 9.30 -2.60
N LEU A 272 -17.48 8.99 -1.80
CA LEU A 272 -16.90 9.99 -0.90
C LEU A 272 -15.45 10.30 -1.23
N LEU A 273 -14.95 9.76 -2.35
CA LEU A 273 -13.56 9.98 -2.75
C LEU A 273 -13.35 11.33 -3.41
N THR A 274 -13.70 12.39 -2.70
CA THR A 274 -13.36 13.75 -3.11
C THR A 274 -12.82 14.46 -1.88
N LYS A 275 -12.05 15.52 -2.08
CA LYS A 275 -11.47 16.21 -0.94
C LYS A 275 -12.56 16.77 -0.02
N ASP A 276 -13.62 17.28 -0.63
CA ASP A 276 -14.72 17.87 0.13
C ASP A 276 -15.44 16.83 0.99
N ALA A 277 -15.71 15.66 0.41
CA ALA A 277 -16.44 14.62 1.12
C ALA A 277 -15.62 14.01 2.27
N LEU A 278 -14.29 13.95 2.09
CA LEU A 278 -13.43 13.47 3.14
C LEU A 278 -13.35 14.44 4.32
N ALA A 279 -13.65 15.70 4.05
CA ALA A 279 -13.60 16.72 5.09
C ALA A 279 -14.85 16.69 5.97
N ASN A 280 -15.89 16.00 5.49
CA ASN A 280 -17.17 15.93 6.21
C ASN A 280 -17.67 14.50 6.44
N LEU A 281 -16.76 13.55 6.58
CA LEU A 281 -17.17 12.17 6.85
C LEU A 281 -17.93 12.06 8.17
N SER A 282 -19.07 11.38 8.14
CA SER A 282 -19.78 11.07 9.38
C SER A 282 -19.11 9.89 10.08
N GLU A 283 -19.55 9.61 11.30
CA GLU A 283 -18.96 8.55 12.13
C GLU A 283 -19.22 7.19 11.47
N ASP A 284 -20.42 7.05 10.94
CA ASP A 284 -20.85 5.82 10.30
C ASP A 284 -20.07 5.56 9.01
N GLN A 285 -19.77 6.64 8.27
CA GLN A 285 -19.07 6.51 6.98
C GLN A 285 -17.64 6.10 7.19
N ILE A 286 -17.02 6.66 8.24
CA ILE A 286 -15.69 6.28 8.65
C ILE A 286 -15.65 4.82 9.08
N HIS A 287 -16.63 4.41 9.90
CA HIS A 287 -16.68 3.04 10.40
C HIS A 287 -16.84 2.02 9.29
N SER A 288 -17.75 2.27 8.34
CA SER A 288 -17.97 1.37 7.20
C SER A 288 -16.69 1.11 6.42
N ALA A 289 -15.91 2.18 6.24
CA ALA A 289 -14.70 2.12 5.43
C ALA A 289 -13.62 1.30 6.11
N VAL A 290 -13.35 1.63 7.37
CA VAL A 290 -12.33 0.95 8.13
C VAL A 290 -12.74 -0.50 8.43
N ALA A 291 -14.03 -0.72 8.68
CA ALA A 291 -14.52 -2.07 8.94
C ALA A 291 -14.32 -2.96 7.70
N LEU A 292 -14.68 -2.44 6.53
CA LEU A 292 -14.46 -3.20 5.30
C LEU A 292 -12.99 -3.55 5.17
N GLY A 293 -12.12 -2.58 5.46
CA GLY A 293 -10.69 -2.79 5.44
C GLY A 293 -10.28 -3.95 6.32
N VAL A 294 -10.80 -3.95 7.55
CA VAL A 294 -10.49 -5.01 8.51
C VAL A 294 -11.04 -6.38 8.09
N ARG A 295 -12.31 -6.44 7.66
CA ARG A 295 -12.88 -7.69 7.15
C ARG A 295 -12.04 -8.24 6.01
N ALA A 296 -11.72 -7.40 5.05
CA ALA A 296 -10.98 -7.83 3.87
C ALA A 296 -9.62 -8.43 4.27
N ALA A 297 -8.96 -7.82 5.25
CA ALA A 297 -7.65 -8.28 5.70
C ALA A 297 -7.75 -9.61 6.43
N ALA A 298 -8.92 -9.88 7.01
CA ALA A 298 -9.16 -11.15 7.68
C ALA A 298 -8.93 -12.31 6.72
N VAL A 299 -9.53 -12.20 5.52
CA VAL A 299 -9.31 -13.20 4.49
C VAL A 299 -7.82 -13.35 4.11
N THR A 300 -7.12 -12.23 3.92
CA THR A 300 -5.73 -12.28 3.42
C THR A 300 -4.78 -13.06 4.32
N VAL A 301 -4.89 -12.83 5.62
CA VAL A 301 -3.94 -13.38 6.58
C VAL A 301 -4.14 -14.88 6.75
N SER A 302 -5.27 -15.35 6.25
CA SER A 302 -5.65 -16.75 6.33
C SER A 302 -4.90 -17.68 5.35
N ARG A 303 -4.46 -17.18 4.20
CA ARG A 303 -4.04 -18.08 3.12
C ARG A 303 -2.75 -17.72 2.39
N ALA A 304 -1.68 -17.54 3.16
CA ALA A 304 -0.37 -17.30 2.58
C ALA A 304 -0.37 -16.11 1.62
N GLY A 305 -1.06 -15.03 2.00
CA GLY A 305 -1.01 -13.78 1.27
C GLY A 305 0.39 -13.25 1.04
N ALA A 306 0.57 -12.16 0.28
CA ALA A 306 -0.48 -11.26 -0.23
C ALA A 306 -1.43 -11.86 -1.25
N ASN A 307 -2.57 -12.28 -0.74
CA ASN A 307 -3.64 -12.93 -1.47
C ASN A 307 -4.98 -12.39 -0.97
N PRO A 308 -5.34 -11.17 -1.38
CA PRO A 308 -6.53 -10.50 -0.86
C PRO A 308 -7.83 -11.06 -1.44
N PRO A 309 -8.98 -10.75 -0.80
CA PRO A 309 -10.28 -11.30 -1.21
C PRO A 309 -10.92 -10.66 -2.43
N TRP A 310 -11.46 -11.50 -3.30
CA TRP A 310 -12.40 -11.06 -4.31
C TRP A 310 -13.67 -10.58 -3.62
N ALA A 311 -14.43 -9.73 -4.30
CA ALA A 311 -15.69 -9.25 -3.76
C ALA A 311 -16.78 -10.33 -3.84
N HIS A 312 -16.53 -11.41 -4.57
CA HIS A 312 -17.48 -12.50 -4.67
C HIS A 312 -17.20 -13.54 -3.58
N GLU A 313 -15.97 -13.51 -3.07
CA GLU A 313 -15.71 -13.90 -1.69
C GLU A 313 -16.33 -12.79 -0.83
N MET A 314 -16.38 -12.95 0.48
CA MET A 314 -17.04 -11.97 1.35
C MET A 314 -18.51 -11.71 0.96
N ARG A 315 -19.15 -12.66 0.30
CA ARG A 315 -20.53 -12.52 -0.16
C ARG A 315 -21.54 -12.46 1.00
N ASP A 316 -21.31 -13.31 1.99
CA ASP A 316 -22.31 -13.67 3.02
C ASP A 316 -23.48 -14.41 2.34
#